data_5IU8
#
_entry.id   5IU8
#
_cell.length_a   39.312
_cell.length_b   179.537
_cell.length_c   139.994
_cell.angle_alpha   90.00
_cell.angle_beta   90.00
_cell.angle_gamma   90.00
#
_symmetry.space_group_name_H-M   'C 2 2 21'
#
loop_
_entity.id
_entity.type
_entity.pdbx_description
1 polymer 'Adenosine receptor A2a,Soluble cytochrome b562,Adenosine receptor A2a'
2 non-polymer 'SODIUM ION'
3 non-polymer 2-(furan-2-yl)-N~5~-[2-(4-methylpiperazin-1-yl)ethyl][1,2,4]triazolo[1,5-a][1,3,5]triazine-5,7-diamine
4 non-polymer HEPTANE-1,2,3-TRIOL
5 non-polymer CHOLESTEROL
6 non-polymer 'OLEIC ACID'
7 non-polymer '(2S)-2,3-dihydroxypropyl (9Z)-octadec-9-enoate'
8 non-polymer '(2R)-2,3-dihydroxypropyl (9Z)-octadec-9-enoate'
9 water water
#
_entity_poly.entity_id   1
_entity_poly.type   'polypeptide(L)'
_entity_poly.pdbx_seq_one_letter_code
;DYKDDDDGAPPIMGSSVYITVELAIAVLAILGNVLVCWAVWLNSNLQNVTNYFVVSLAAADILVGVLAIPFAITISTGFC
AACHGCLFIACFVLVLAQSSIFSLLAIAIDRYIAIAIPLRYNGLVTGTRAAGIIAICWVLSFAIGLTPMLGWNNCGQPKE
GKAHSQGCGEGQVACLFEDVVPMNYMVYFNFFACVLVPLLLMLGVYLRIFAAARRQLADLEDNWETLNDNLKVIEKADNA
AQVKDALTKMRAAALDAQKATPPKLEDKSPDSPEMKDFRHGFDILVGQIDDALKLANEGKVKEAQAAAEQLKTTRNAYIQ
KYLERARSTLQKEVHAAKSAAIIAGLFALCWLPLHIINCFTFFCPDCSHAPLWLMYLAIVLAHTNSVVNPFIYAYRIREF
RQTFRKIIRSHVLRQQEPFKAAAHHHHHHHHHH
;
_entity_poly.pdbx_strand_id   A
#
# COMPACT_ATOMS: atom_id res chain seq x y z
N GLY A 8 32.34 -31.30 6.47
CA GLY A 8 31.13 -31.14 5.68
C GLY A 8 29.96 -31.94 6.21
N ALA A 9 29.19 -31.32 7.10
CA ALA A 9 28.05 -31.99 7.72
C ALA A 9 27.07 -32.46 6.65
N PRO A 10 26.35 -33.55 6.90
CA PRO A 10 25.39 -34.06 5.91
C PRO A 10 24.42 -32.98 5.48
N PRO A 11 24.28 -32.74 4.17
CA PRO A 11 23.45 -31.62 3.71
C PRO A 11 21.98 -31.75 4.09
N ILE A 12 21.49 -32.96 4.31
CA ILE A 12 20.08 -33.13 4.67
C ILE A 12 19.77 -32.56 6.04
N MET A 13 20.78 -32.39 6.90
CA MET A 13 20.52 -31.81 8.22
C MET A 13 20.15 -30.34 8.11
N GLY A 14 21.01 -29.54 7.48
CA GLY A 14 20.66 -28.15 7.22
C GLY A 14 19.46 -28.01 6.31
N SER A 15 19.27 -28.95 5.39
N SER A 15 19.27 -28.95 5.39
CA SER A 15 18.11 -28.91 4.51
CA SER A 15 18.10 -28.89 4.51
C SER A 15 16.82 -29.16 5.28
C SER A 15 16.82 -29.15 5.29
N SER A 16 16.86 -30.05 6.28
N SER A 16 16.86 -30.05 6.28
CA SER A 16 15.66 -30.33 7.07
CA SER A 16 15.67 -30.34 7.07
C SER A 16 15.21 -29.10 7.85
C SER A 16 15.22 -29.11 7.86
N VAL A 17 16.17 -28.32 8.35
CA VAL A 17 15.83 -27.11 9.09
C VAL A 17 15.20 -26.09 8.15
N TYR A 18 15.83 -25.86 6.99
CA TYR A 18 15.29 -24.90 6.03
C TYR A 18 13.90 -25.31 5.56
N ILE A 19 13.71 -26.59 5.24
CA ILE A 19 12.42 -27.04 4.73
C ILE A 19 11.35 -26.92 5.82
N THR A 20 11.68 -27.29 7.05
CA THR A 20 10.70 -27.20 8.14
C THR A 20 10.26 -25.76 8.35
N VAL A 21 11.21 -24.81 8.31
CA VAL A 21 10.85 -23.40 8.46
C VAL A 21 9.98 -22.93 7.31
N GLU A 22 10.32 -23.34 6.08
CA GLU A 22 9.51 -22.96 4.92
C GLU A 22 8.08 -23.47 5.06
N LEU A 23 7.90 -24.73 5.49
CA LEU A 23 6.57 -25.27 5.64
C LEU A 23 5.80 -24.53 6.73
N ALA A 24 6.46 -24.18 7.83
CA ALA A 24 5.82 -23.39 8.87
C ALA A 24 5.37 -22.04 8.34
N ILE A 25 6.20 -21.40 7.50
CA ILE A 25 5.79 -20.13 6.90
C ILE A 25 4.62 -20.33 5.97
N ALA A 26 4.62 -21.42 5.20
CA ALA A 26 3.55 -21.67 4.24
C ALA A 26 2.20 -21.81 4.94
N VAL A 27 2.16 -22.57 6.04
N VAL A 27 2.14 -22.52 6.06
CA VAL A 27 0.92 -22.75 6.78
CA VAL A 27 0.86 -22.73 6.72
C VAL A 27 0.40 -21.41 7.29
C VAL A 27 0.37 -21.45 7.39
N LEU A 28 1.28 -20.60 7.86
CA LEU A 28 0.87 -19.32 8.43
C LEU A 28 0.44 -18.33 7.34
N ALA A 29 1.10 -18.37 6.19
CA ALA A 29 0.72 -17.48 5.10
C ALA A 29 -0.65 -17.85 4.54
N ILE A 30 -0.95 -19.15 4.45
CA ILE A 30 -2.25 -19.58 3.95
C ILE A 30 -3.35 -19.22 4.95
N LEU A 31 -3.15 -19.57 6.22
CA LEU A 31 -4.20 -19.37 7.22
C LEU A 31 -4.54 -17.89 7.38
N GLY A 32 -3.51 -17.03 7.46
CA GLY A 32 -3.77 -15.63 7.71
C GLY A 32 -4.44 -14.93 6.53
N ASN A 33 -4.00 -15.24 5.31
CA ASN A 33 -4.54 -14.53 4.16
C ASN A 33 -5.87 -15.11 3.69
N VAL A 34 -6.13 -16.39 3.94
CA VAL A 34 -7.49 -16.92 3.76
C VAL A 34 -8.44 -16.19 4.70
N LEU A 35 -8.00 -15.91 5.92
CA LEU A 35 -8.82 -15.16 6.85
C LEU A 35 -9.09 -13.74 6.33
N VAL A 36 -8.12 -13.16 5.64
CA VAL A 36 -8.32 -11.84 5.04
C VAL A 36 -9.39 -11.90 3.96
N CYS A 37 -9.26 -12.84 3.01
CA CYS A 37 -10.25 -12.95 1.94
C CYS A 37 -11.62 -13.30 2.50
N TRP A 38 -11.66 -14.15 3.53
CA TRP A 38 -12.94 -14.51 4.15
C TRP A 38 -13.60 -13.29 4.79
N ALA A 39 -12.80 -12.42 5.40
CA ALA A 39 -13.35 -11.24 6.06
C ALA A 39 -13.95 -10.27 5.05
N VAL A 40 -13.24 -10.02 3.95
CA VAL A 40 -13.76 -9.10 2.93
C VAL A 40 -15.02 -9.69 2.29
N TRP A 41 -15.05 -11.01 2.10
CA TRP A 41 -16.23 -11.64 1.51
C TRP A 41 -17.46 -11.47 2.40
N LEU A 42 -17.27 -11.59 3.72
CA LEU A 42 -18.43 -11.59 4.62
C LEU A 42 -18.89 -10.18 4.95
N ASN A 43 -17.97 -9.26 5.20
CA ASN A 43 -18.31 -7.94 5.72
C ASN A 43 -18.49 -6.94 4.58
N SER A 44 -19.71 -6.39 4.47
N SER A 44 -19.70 -6.39 4.47
CA SER A 44 -19.97 -5.39 3.45
CA SER A 44 -19.97 -5.39 3.45
C SER A 44 -19.20 -4.09 3.72
C SER A 44 -19.19 -4.10 3.72
N ASN A 45 -18.92 -3.80 4.99
CA ASN A 45 -18.15 -2.61 5.33
C ASN A 45 -16.69 -2.71 4.89
N LEU A 46 -16.21 -3.93 4.60
CA LEU A 46 -14.87 -4.14 4.09
C LEU A 46 -14.83 -4.22 2.57
N GLN A 47 -15.96 -4.09 1.90
CA GLN A 47 -16.03 -4.25 0.44
C GLN A 47 -15.93 -2.87 -0.23
N ASN A 48 -14.73 -2.33 -0.20
CA ASN A 48 -14.39 -1.12 -0.93
C ASN A 48 -13.29 -1.43 -1.94
N VAL A 49 -12.99 -0.44 -2.79
CA VAL A 49 -12.02 -0.65 -3.85
C VAL A 49 -10.64 -0.93 -3.28
N THR A 50 -10.27 -0.21 -2.22
CA THR A 50 -8.95 -0.41 -1.60
C THR A 50 -8.75 -1.86 -1.20
N ASN A 51 -9.78 -2.48 -0.61
CA ASN A 51 -9.66 -3.85 -0.13
C ASN A 51 -9.75 -4.88 -1.25
N TYR A 52 -10.16 -4.50 -2.46
CA TYR A 52 -10.07 -5.42 -3.59
C TYR A 52 -8.62 -5.68 -3.95
N PHE A 53 -7.77 -4.65 -3.90
CA PHE A 53 -6.33 -4.86 -4.05
C PHE A 53 -5.75 -5.58 -2.85
N VAL A 54 -6.31 -5.35 -1.66
CA VAL A 54 -5.90 -6.12 -0.48
C VAL A 54 -6.16 -7.60 -0.71
N VAL A 55 -7.31 -7.94 -1.31
CA VAL A 55 -7.62 -9.33 -1.60
C VAL A 55 -6.67 -9.90 -2.65
N SER A 56 -6.40 -9.13 -3.72
CA SER A 56 -5.43 -9.57 -4.71
CA SER A 56 -5.43 -9.57 -4.71
C SER A 56 -4.05 -9.78 -4.07
N LEU A 57 -3.68 -8.91 -3.14
CA LEU A 57 -2.42 -9.08 -2.43
C LEU A 57 -2.45 -10.33 -1.55
N ALA A 58 -3.59 -10.57 -0.88
CA ALA A 58 -3.71 -11.77 -0.05
C ALA A 58 -3.69 -13.04 -0.91
N ALA A 59 -4.28 -12.97 -2.11
CA ALA A 59 -4.27 -14.12 -3.01
C ALA A 59 -2.84 -14.45 -3.44
N ALA A 60 -2.02 -13.43 -3.69
CA ALA A 60 -0.63 -13.67 -4.05
C ALA A 60 0.13 -14.33 -2.90
N ASP A 61 -0.19 -13.96 -1.67
CA ASP A 61 0.48 -14.54 -0.51
C ASP A 61 -0.01 -15.95 -0.22
N ILE A 62 -1.30 -16.23 -0.47
CA ILE A 62 -1.77 -17.61 -0.40
C ILE A 62 -1.00 -18.47 -1.40
N LEU A 63 -0.77 -17.94 -2.61
CA LEU A 63 -0.05 -18.72 -3.61
C LEU A 63 1.43 -18.89 -3.26
N VAL A 64 1.99 -17.97 -2.46
CA VAL A 64 3.33 -18.17 -1.94
C VAL A 64 3.38 -19.43 -1.09
N GLY A 65 2.38 -19.62 -0.22
CA GLY A 65 2.36 -20.82 0.60
C GLY A 65 1.99 -22.08 -0.15
N VAL A 66 1.10 -21.98 -1.13
CA VAL A 66 0.62 -23.17 -1.84
C VAL A 66 1.61 -23.63 -2.90
N LEU A 67 2.25 -22.69 -3.60
CA LEU A 67 3.08 -23.01 -4.75
C LEU A 67 4.52 -22.56 -4.62
N ALA A 68 4.75 -21.28 -4.28
CA ALA A 68 6.10 -20.74 -4.32
C ALA A 68 7.00 -21.41 -3.30
N ILE A 69 6.48 -21.70 -2.10
CA ILE A 69 7.31 -22.31 -1.06
C ILE A 69 7.59 -23.77 -1.43
N PRO A 70 6.60 -24.58 -1.84
CA PRO A 70 6.96 -25.91 -2.38
C PRO A 70 7.93 -25.84 -3.54
N PHE A 71 7.82 -24.83 -4.40
CA PHE A 71 8.78 -24.67 -5.49
C PHE A 71 10.17 -24.36 -4.95
N ALA A 72 10.26 -23.48 -3.94
CA ALA A 72 11.55 -23.13 -3.37
C ALA A 72 12.21 -24.33 -2.69
N ILE A 73 11.41 -25.14 -1.99
CA ILE A 73 11.94 -26.36 -1.39
C ILE A 73 12.48 -27.28 -2.47
N THR A 74 11.75 -27.41 -3.58
CA THR A 74 12.16 -28.30 -4.66
C THR A 74 13.47 -27.85 -5.29
N ILE A 75 13.59 -26.54 -5.58
CA ILE A 75 14.78 -26.06 -6.27
C ILE A 75 16.01 -26.05 -5.36
N SER A 76 15.81 -26.09 -4.03
CA SER A 76 16.96 -26.18 -3.14
C SER A 76 17.66 -27.53 -3.21
N THR A 77 17.01 -28.53 -3.80
CA THR A 77 17.62 -29.85 -3.91
C THR A 77 18.53 -29.99 -5.12
N GLY A 78 18.40 -29.12 -6.11
CA GLY A 78 19.19 -29.25 -7.32
C GLY A 78 18.82 -30.46 -8.17
N PHE A 79 17.58 -30.92 -8.06
CA PHE A 79 17.13 -32.11 -8.76
C PHE A 79 17.26 -31.93 -10.27
N CYS A 80 17.45 -33.04 -10.98
CA CYS A 80 17.54 -33.01 -12.43
C CYS A 80 16.20 -32.63 -13.05
N ALA A 81 16.24 -31.73 -14.03
CA ALA A 81 15.03 -31.29 -14.68
C ALA A 81 15.36 -30.68 -16.03
N ALA A 82 14.37 -30.72 -16.93
CA ALA A 82 14.46 -29.93 -18.16
C ALA A 82 14.59 -28.46 -17.79
N CYS A 83 15.51 -27.75 -18.47
CA CYS A 83 15.91 -26.43 -17.99
C CYS A 83 14.75 -25.45 -17.98
N HIS A 84 13.87 -25.51 -18.99
CA HIS A 84 12.75 -24.58 -19.01
C HIS A 84 11.70 -24.91 -17.96
N GLY A 85 11.53 -26.19 -17.65
CA GLY A 85 10.70 -26.55 -16.50
C GLY A 85 11.31 -26.08 -15.19
N CYS A 86 12.62 -26.21 -15.07
CA CYS A 86 13.32 -25.63 -13.93
C CYS A 86 13.10 -24.13 -13.86
N LEU A 87 13.07 -23.46 -15.02
N LEU A 87 13.03 -23.47 -15.02
CA LEU A 87 12.88 -22.01 -15.04
CA LEU A 87 12.89 -22.01 -15.04
C LEU A 87 11.54 -21.62 -14.42
C LEU A 87 11.52 -21.57 -14.51
N PHE A 88 10.49 -22.39 -14.70
CA PHE A 88 9.17 -22.03 -14.17
C PHE A 88 9.13 -22.16 -12.65
N ILE A 89 9.68 -23.26 -12.13
N ILE A 89 9.71 -23.23 -12.10
CA ILE A 89 9.81 -23.44 -10.69
CA ILE A 89 9.70 -23.35 -10.65
C ILE A 89 10.57 -22.27 -10.07
C ILE A 89 10.67 -22.36 -10.00
N ALA A 90 11.60 -21.80 -10.76
CA ALA A 90 12.46 -20.75 -10.21
C ALA A 90 11.78 -19.38 -10.25
N CYS A 91 10.99 -19.12 -11.30
CA CYS A 91 10.52 -17.77 -11.59
C CYS A 91 9.08 -17.50 -11.17
N PHE A 92 8.30 -18.53 -10.82
CA PHE A 92 6.90 -18.28 -10.48
C PHE A 92 6.76 -17.36 -9.27
N VAL A 93 7.70 -17.44 -8.32
CA VAL A 93 7.64 -16.54 -7.16
C VAL A 93 7.84 -15.09 -7.60
N LEU A 94 8.56 -14.87 -8.71
CA LEU A 94 8.71 -13.52 -9.23
C LEU A 94 7.39 -12.98 -9.75
N VAL A 95 6.52 -13.86 -10.26
CA VAL A 95 5.18 -13.45 -10.66
C VAL A 95 4.39 -12.97 -9.45
N LEU A 96 4.44 -13.73 -8.36
CA LEU A 96 3.70 -13.37 -7.16
C LEU A 96 4.25 -12.09 -6.54
N ALA A 97 5.57 -11.92 -6.56
CA ALA A 97 6.16 -10.69 -6.04
C ALA A 97 5.78 -9.49 -6.89
N GLN A 98 5.74 -9.66 -8.21
CA GLN A 98 5.37 -8.55 -9.08
C GLN A 98 3.90 -8.18 -8.89
N SER A 99 3.04 -9.18 -8.73
CA SER A 99 1.63 -8.90 -8.46
C SER A 99 1.47 -8.13 -7.16
N SER A 100 2.25 -8.50 -6.14
CA SER A 100 2.22 -7.76 -4.87
C SER A 100 2.61 -6.31 -5.09
N ILE A 101 3.63 -6.07 -5.90
CA ILE A 101 4.08 -4.70 -6.18
CA ILE A 101 4.07 -4.70 -6.17
C ILE A 101 2.97 -3.90 -6.84
N PHE A 102 2.30 -4.50 -7.83
CA PHE A 102 1.21 -3.80 -8.51
C PHE A 102 0.06 -3.51 -7.55
N SER A 103 -0.27 -4.46 -6.67
CA SER A 103 -1.32 -4.20 -5.69
C SER A 103 -0.91 -3.10 -4.72
N LEU A 104 0.34 -3.13 -4.25
CA LEU A 104 0.80 -2.10 -3.33
C LEU A 104 0.80 -0.73 -3.98
N LEU A 105 1.20 -0.64 -5.25
CA LEU A 105 1.18 0.63 -5.94
C LEU A 105 -0.25 1.12 -6.15
N ALA A 106 -1.18 0.21 -6.47
CA ALA A 106 -2.56 0.60 -6.65
C ALA A 106 -3.19 1.11 -5.36
N ILE A 107 -2.86 0.46 -4.23
CA ILE A 107 -3.39 0.89 -2.94
C ILE A 107 -2.93 2.31 -2.63
N ALA A 108 -1.65 2.60 -2.87
CA ALA A 108 -1.12 3.94 -2.62
C ALA A 108 -1.81 4.98 -3.49
N ILE A 109 -2.00 4.65 -4.78
CA ILE A 109 -2.68 5.58 -5.69
C ILE A 109 -4.13 5.77 -5.26
N ASP A 110 -4.79 4.69 -4.84
CA ASP A 110 -6.16 4.79 -4.38
C ASP A 110 -6.28 5.70 -3.16
N ARG A 111 -5.33 5.60 -2.23
CA ARG A 111 -5.35 6.47 -1.06
C ARG A 111 -5.07 7.92 -1.42
N TYR A 112 -4.23 8.15 -2.44
CA TYR A 112 -3.95 9.53 -2.86
C TYR A 112 -5.18 10.16 -3.53
N ILE A 113 -5.88 9.40 -4.36
CA ILE A 113 -7.08 9.92 -5.01
C ILE A 113 -8.14 10.27 -3.97
N ALA A 114 -8.25 9.45 -2.92
CA ALA A 114 -9.28 9.67 -1.92
C ALA A 114 -9.04 10.93 -1.10
N ILE A 115 -7.78 11.35 -0.95
CA ILE A 115 -7.47 12.49 -0.10
C ILE A 115 -7.27 13.76 -0.93
N ALA A 116 -6.83 13.59 -2.18
CA ALA A 116 -6.58 14.73 -3.05
C ALA A 116 -7.84 15.23 -3.75
N ILE A 117 -8.68 14.32 -4.23
CA ILE A 117 -9.92 14.69 -4.91
C ILE A 117 -11.07 13.84 -4.39
N PRO A 118 -11.45 13.98 -3.12
CA PRO A 118 -12.53 13.12 -2.58
C PRO A 118 -13.89 13.37 -3.21
N LEU A 119 -14.11 14.52 -3.82
CA LEU A 119 -15.41 14.81 -4.42
C LEU A 119 -15.68 13.94 -5.63
N ARG A 120 -14.64 13.58 -6.39
CA ARG A 120 -14.79 12.75 -7.58
C ARG A 120 -14.13 11.38 -7.42
N TYR A 121 -13.94 10.93 -6.18
CA TYR A 121 -13.34 9.61 -5.96
C TYR A 121 -14.30 8.50 -6.38
N ASN A 122 -15.55 8.55 -5.91
CA ASN A 122 -16.49 7.48 -6.20
C ASN A 122 -16.83 7.41 -7.69
N GLY A 123 -16.76 8.54 -8.40
CA GLY A 123 -17.00 8.53 -9.82
C GLY A 123 -15.82 8.07 -10.66
N LEU A 124 -14.61 8.13 -10.09
CA LEU A 124 -13.40 7.73 -10.77
C LEU A 124 -12.97 6.31 -10.42
N VAL A 125 -12.94 5.99 -9.13
CA VAL A 125 -12.41 4.71 -8.65
C VAL A 125 -13.62 3.83 -8.30
N THR A 126 -13.94 2.91 -9.19
CA THR A 126 -15.07 2.00 -9.01
C THR A 126 -14.58 0.55 -8.93
N GLY A 127 -15.46 -0.32 -8.42
CA GLY A 127 -15.08 -1.71 -8.27
C GLY A 127 -14.89 -2.42 -9.60
N THR A 128 -15.70 -2.07 -10.60
CA THR A 128 -15.55 -2.67 -11.92
C THR A 128 -14.21 -2.31 -12.54
N ARG A 129 -13.81 -1.05 -12.45
CA ARG A 129 -12.51 -0.64 -12.98
C ARG A 129 -11.38 -1.26 -12.17
N ALA A 130 -11.56 -1.39 -10.85
CA ALA A 130 -10.53 -2.01 -10.03
C ALA A 130 -10.30 -3.47 -10.41
N ALA A 131 -11.39 -4.21 -10.65
CA ALA A 131 -11.25 -5.61 -11.05
C ALA A 131 -10.53 -5.73 -12.38
N GLY A 132 -10.78 -4.81 -13.30
CA GLY A 132 -10.07 -4.83 -14.57
C GLY A 132 -8.60 -4.51 -14.41
N ILE A 133 -8.27 -3.55 -13.54
CA ILE A 133 -6.87 -3.25 -13.26
C ILE A 133 -6.18 -4.45 -12.63
N ILE A 134 -6.87 -5.13 -11.71
CA ILE A 134 -6.30 -6.32 -11.08
C ILE A 134 -6.00 -7.39 -12.11
N ALA A 135 -6.94 -7.63 -13.03
CA ALA A 135 -6.72 -8.63 -14.08
C ALA A 135 -5.53 -8.26 -14.95
N ILE A 136 -5.42 -6.99 -15.35
CA ILE A 136 -4.31 -6.54 -16.18
C ILE A 136 -2.99 -6.71 -15.45
N CYS A 137 -2.96 -6.34 -14.16
CA CYS A 137 -1.71 -6.41 -13.41
C CYS A 137 -1.27 -7.86 -13.20
N TRP A 138 -2.21 -8.80 -13.10
CA TRP A 138 -1.83 -10.20 -13.01
C TRP A 138 -1.23 -10.70 -14.31
N VAL A 139 -1.79 -10.28 -15.45
CA VAL A 139 -1.20 -10.64 -16.74
C VAL A 139 0.19 -10.06 -16.87
N LEU A 140 0.36 -8.79 -16.49
CA LEU A 140 1.68 -8.16 -16.56
C LEU A 140 2.66 -8.83 -15.61
N SER A 141 2.19 -9.31 -14.46
N SER A 141 2.19 -9.31 -14.46
CA SER A 141 3.08 -9.96 -13.50
CA SER A 141 3.08 -9.96 -13.50
C SER A 141 3.62 -11.26 -14.06
C SER A 141 3.63 -11.27 -14.05
N PHE A 142 2.79 -12.02 -14.80
CA PHE A 142 3.27 -13.24 -15.43
C PHE A 142 4.29 -12.93 -16.52
N ALA A 143 4.06 -11.87 -17.30
CA ALA A 143 5.00 -11.51 -18.36
C ALA A 143 6.33 -11.05 -17.78
N ILE A 144 6.29 -10.29 -16.69
CA ILE A 144 7.52 -9.81 -16.06
C ILE A 144 8.24 -10.95 -15.35
N GLY A 145 7.51 -11.70 -14.52
CA GLY A 145 8.14 -12.74 -13.73
C GLY A 145 8.66 -13.90 -14.54
N LEU A 146 7.99 -14.23 -15.65
CA LEU A 146 8.38 -15.34 -16.51
C LEU A 146 9.15 -14.87 -17.75
N THR A 147 9.63 -13.64 -17.75
CA THR A 147 10.47 -13.17 -18.85
C THR A 147 11.67 -14.08 -19.14
N PRO A 148 12.35 -14.68 -18.14
CA PRO A 148 13.40 -15.66 -18.47
C PRO A 148 12.91 -16.81 -19.35
N MET A 149 11.65 -17.22 -19.22
N MET A 149 11.63 -17.20 -19.23
CA MET A 149 11.14 -18.30 -20.06
CA MET A 149 11.10 -18.26 -20.07
C MET A 149 10.98 -17.88 -21.52
C MET A 149 11.08 -17.86 -21.54
N LEU A 150 11.05 -16.58 -21.81
N LEU A 150 11.03 -16.57 -21.82
CA LEU A 150 10.99 -16.09 -23.18
CA LEU A 150 10.98 -16.07 -23.20
C LEU A 150 12.36 -16.09 -23.87
C LEU A 150 12.35 -16.06 -23.86
N GLY A 151 13.41 -16.49 -23.18
CA GLY A 151 14.72 -16.56 -23.78
C GLY A 151 15.86 -16.01 -22.95
N TRP A 152 15.54 -15.14 -21.98
CA TRP A 152 16.55 -14.52 -21.14
C TRP A 152 16.91 -15.48 -19.99
N ASN A 153 17.64 -16.53 -20.35
CA ASN A 153 17.98 -17.57 -19.41
C ASN A 153 19.36 -18.13 -19.76
N ASN A 154 19.85 -19.04 -18.91
CA ASN A 154 21.12 -19.71 -19.12
C ASN A 154 20.95 -21.14 -19.62
N CYS A 155 19.78 -21.47 -20.18
CA CYS A 155 19.54 -22.84 -20.63
C CYS A 155 20.40 -23.21 -21.83
N GLY A 156 20.77 -22.23 -22.65
CA GLY A 156 21.64 -22.52 -23.79
C GLY A 156 23.07 -22.82 -23.42
N GLN A 157 23.48 -22.54 -22.18
CA GLN A 157 24.84 -22.77 -21.71
C GLN A 157 24.80 -23.53 -20.39
N PRO A 158 24.34 -24.77 -20.41
CA PRO A 158 24.15 -25.51 -19.15
C PRO A 158 25.47 -25.95 -18.55
N LYS A 159 25.48 -26.04 -17.22
CA LYS A 159 26.64 -26.55 -16.49
C LYS A 159 26.63 -28.07 -16.61
N GLU A 160 27.35 -28.56 -17.63
CA GLU A 160 27.28 -29.98 -17.95
C GLU A 160 28.02 -30.84 -16.94
N GLY A 161 29.08 -30.32 -16.33
CA GLY A 161 29.78 -31.09 -15.31
C GLY A 161 28.94 -31.31 -14.08
N LYS A 162 28.18 -30.30 -13.67
CA LYS A 162 27.26 -30.48 -12.54
C LYS A 162 26.14 -31.45 -12.89
N ALA A 163 25.62 -31.37 -14.13
CA ALA A 163 24.56 -32.27 -14.55
C ALA A 163 25.06 -33.71 -14.62
N HIS A 164 26.28 -33.91 -15.13
CA HIS A 164 26.84 -35.25 -15.20
C HIS A 164 27.12 -35.82 -13.81
N SER A 165 27.61 -34.98 -12.89
CA SER A 165 27.91 -35.46 -11.55
C SER A 165 26.66 -35.93 -10.81
N GLN A 166 25.51 -35.34 -11.11
CA GLN A 166 24.25 -35.73 -10.50
C GLN A 166 23.51 -36.79 -11.30
N GLY A 167 24.11 -37.30 -12.38
CA GLY A 167 23.47 -38.32 -13.17
C GLY A 167 22.25 -37.87 -13.94
N CYS A 168 22.17 -36.57 -14.28
CA CYS A 168 21.04 -36.07 -15.03
C CYS A 168 21.05 -36.63 -16.45
N GLY A 169 19.86 -36.78 -17.02
CA GLY A 169 19.73 -37.26 -18.37
C GLY A 169 20.08 -36.20 -19.40
N GLU A 170 20.14 -36.62 -20.66
CA GLU A 170 20.43 -35.69 -21.74
C GLU A 170 19.31 -34.67 -21.86
N GLY A 171 19.69 -33.40 -22.01
CA GLY A 171 18.73 -32.32 -22.03
C GLY A 171 18.31 -31.82 -20.67
N GLN A 172 18.85 -32.37 -19.59
CA GLN A 172 18.51 -31.97 -18.23
C GLN A 172 19.67 -31.24 -17.58
N VAL A 173 19.34 -30.41 -16.59
CA VAL A 173 20.31 -29.70 -15.79
C VAL A 173 19.99 -29.92 -14.32
N ALA A 174 20.99 -29.71 -13.47
CA ALA A 174 20.73 -29.60 -12.04
C ALA A 174 19.96 -28.30 -11.79
N CYS A 175 18.73 -28.42 -11.32
CA CYS A 175 17.84 -27.27 -11.21
C CYS A 175 18.26 -26.42 -10.01
N LEU A 176 19.06 -25.39 -10.28
CA LEU A 176 19.53 -24.47 -9.25
C LEU A 176 19.28 -23.05 -9.74
N PHE A 177 18.81 -22.19 -8.82
CA PHE A 177 18.32 -20.87 -9.19
C PHE A 177 19.38 -20.08 -9.98
N GLU A 178 20.55 -19.90 -9.38
CA GLU A 178 21.57 -19.07 -10.01
C GLU A 178 22.22 -19.73 -11.22
N ASP A 179 21.93 -21.00 -11.47
CA ASP A 179 22.43 -21.66 -12.68
C ASP A 179 21.56 -21.37 -13.90
N VAL A 180 20.25 -21.16 -13.70
CA VAL A 180 19.34 -21.02 -14.82
C VAL A 180 18.83 -19.59 -14.99
N VAL A 181 18.67 -18.82 -13.91
CA VAL A 181 18.15 -17.46 -13.98
C VAL A 181 19.34 -16.51 -14.07
N PRO A 182 19.46 -15.71 -15.14
CA PRO A 182 20.61 -14.81 -15.25
C PRO A 182 20.57 -13.72 -14.19
N MET A 183 21.74 -13.40 -13.65
N MET A 183 21.75 -13.40 -13.65
CA MET A 183 21.79 -12.39 -12.61
CA MET A 183 21.83 -12.39 -12.61
C MET A 183 21.61 -10.97 -13.14
C MET A 183 21.56 -10.99 -13.16
N ASN A 184 21.92 -10.73 -14.42
CA ASN A 184 21.64 -9.41 -14.98
C ASN A 184 20.15 -9.16 -15.10
N TYR A 185 19.37 -10.21 -15.40
CA TYR A 185 17.92 -10.09 -15.30
C TYR A 185 17.49 -9.79 -13.87
N MET A 186 18.03 -10.54 -12.90
CA MET A 186 17.60 -10.40 -11.53
C MET A 186 17.92 -9.01 -10.96
N VAL A 187 19.03 -8.43 -11.38
CA VAL A 187 19.47 -7.15 -10.83
C VAL A 187 18.90 -5.97 -11.61
N TYR A 188 19.12 -5.95 -12.93
CA TYR A 188 18.71 -4.80 -13.73
C TYR A 188 17.22 -4.79 -14.01
N PHE A 189 16.67 -5.93 -14.44
CA PHE A 189 15.27 -5.99 -14.87
C PHE A 189 14.35 -6.19 -13.68
N ASN A 190 14.54 -7.27 -12.92
CA ASN A 190 13.62 -7.56 -11.82
C ASN A 190 13.77 -6.55 -10.69
N PHE A 191 14.98 -6.42 -10.15
CA PHE A 191 15.19 -5.56 -8.98
C PHE A 191 15.05 -4.09 -9.33
N PHE A 192 15.95 -3.57 -10.16
CA PHE A 192 16.01 -2.13 -10.41
C PHE A 192 14.72 -1.63 -11.06
N ALA A 193 14.36 -2.20 -12.22
CA ALA A 193 13.25 -1.67 -12.99
C ALA A 193 11.90 -2.05 -12.40
N CYS A 194 11.73 -3.29 -11.98
CA CYS A 194 10.41 -3.81 -11.65
C CYS A 194 10.10 -3.81 -10.15
N VAL A 195 11.10 -3.66 -9.29
CA VAL A 195 10.87 -3.65 -7.85
C VAL A 195 11.28 -2.30 -7.25
N LEU A 196 12.52 -1.87 -7.50
N LEU A 196 12.53 -1.89 -7.48
CA LEU A 196 13.04 -0.67 -6.84
CA LEU A 196 13.04 -0.67 -6.87
C LEU A 196 12.30 0.57 -7.33
C LEU A 196 12.27 0.55 -7.34
N VAL A 197 12.13 0.71 -8.65
CA VAL A 197 11.44 1.89 -9.20
C VAL A 197 10.00 1.99 -8.71
N PRO A 198 9.18 0.93 -8.77
CA PRO A 198 7.82 1.06 -8.21
C PRO A 198 7.80 1.36 -6.72
N LEU A 199 8.73 0.79 -5.95
CA LEU A 199 8.79 1.11 -4.52
C LEU A 199 9.13 2.57 -4.30
N LEU A 200 10.03 3.14 -5.10
CA LEU A 200 10.34 4.56 -5.00
C LEU A 200 9.16 5.41 -5.43
N LEU A 201 8.40 4.95 -6.43
CA LEU A 201 7.17 5.64 -6.81
C LEU A 201 6.16 5.62 -5.67
N MET A 202 6.03 4.48 -4.98
CA MET A 202 5.16 4.42 -3.82
C MET A 202 5.57 5.43 -2.75
N LEU A 203 6.86 5.50 -2.48
CA LEU A 203 7.37 6.49 -1.52
C LEU A 203 6.96 7.90 -1.94
N GLY A 204 7.08 8.21 -3.23
CA GLY A 204 6.66 9.52 -3.71
C GLY A 204 5.17 9.76 -3.54
N VAL A 205 4.36 8.73 -3.79
CA VAL A 205 2.92 8.86 -3.61
C VAL A 205 2.57 9.11 -2.16
N TYR A 206 3.18 8.36 -1.24
CA TYR A 206 2.88 8.52 0.18
C TYR A 206 3.36 9.87 0.71
N LEU A 207 4.48 10.38 0.19
CA LEU A 207 4.89 11.74 0.55
C LEU A 207 3.84 12.76 0.13
N ARG A 208 3.25 12.58 -1.05
CA ARG A 208 2.20 13.48 -1.50
C ARG A 208 0.93 13.33 -0.68
N ILE A 209 0.61 12.10 -0.24
CA ILE A 209 -0.58 11.87 0.56
C ILE A 209 -0.48 12.61 1.89
N PHE A 210 0.62 12.40 2.63
CA PHE A 210 0.77 12.99 3.94
C PHE A 210 0.93 14.51 3.85
N ALA A 211 1.58 15.00 2.78
CA ALA A 211 1.68 16.45 2.59
C ALA A 211 0.31 17.06 2.32
N ALA A 212 -0.52 16.37 1.53
CA ALA A 212 -1.87 16.87 1.28
C ALA A 212 -2.72 16.83 2.55
N ALA A 213 -2.51 15.81 3.38
CA ALA A 213 -3.22 15.73 4.65
C ALA A 213 -2.83 16.89 5.57
N ARG A 214 -1.53 17.16 5.68
CA ARG A 214 -1.07 18.25 6.54
C ARG A 214 -1.57 19.60 6.02
N ARG A 215 -1.66 19.75 4.70
CA ARG A 215 -2.12 21.02 4.13
C ARG A 215 -3.61 21.22 4.36
N GLN A 216 -4.41 20.16 4.18
CA GLN A 216 -5.85 20.29 4.36
C GLN A 216 -6.22 20.51 5.83
N LEU A 217 -5.49 19.86 6.74
CA LEU A 217 -5.70 20.11 8.17
C LEU A 217 -5.34 21.55 8.53
N ALA A 218 -4.29 22.09 7.91
CA ALA A 218 -3.92 23.48 8.16
C ALA A 218 -4.96 24.44 7.60
N ASP A 219 -5.55 24.10 6.44
CA ASP A 219 -6.58 24.95 5.86
C ASP A 219 -7.82 25.00 6.73
N LEU A 220 -8.19 23.86 7.35
CA LEU A 220 -9.33 23.86 8.25
C LEU A 220 -9.06 24.72 9.48
N GLU A 221 -7.84 24.64 10.02
CA GLU A 221 -7.49 25.46 11.17
C GLU A 221 -7.36 26.93 10.79
N ASP A 222 -6.94 27.21 9.56
CA ASP A 222 -6.85 28.61 9.12
C ASP A 222 -8.24 29.22 8.98
N ASN A 223 -9.21 28.45 8.49
CA ASN A 223 -10.57 28.97 8.38
C ASN A 223 -11.23 29.13 9.75
N TRP A 224 -10.89 28.26 10.70
CA TRP A 224 -11.46 28.39 12.04
C TRP A 224 -10.90 29.61 12.76
N GLU A 225 -9.59 29.86 12.62
CA GLU A 225 -9.00 31.03 13.25
C GLU A 225 -9.46 32.32 12.59
N THR A 226 -9.53 32.34 11.25
CA THR A 226 -10.01 33.52 10.55
C THR A 226 -11.45 33.85 10.92
N LEU A 227 -12.26 32.83 11.19
CA LEU A 227 -13.63 33.06 11.64
C LEU A 227 -13.65 33.75 13.00
N ASN A 228 -12.83 33.27 13.94
CA ASN A 228 -12.82 33.84 15.28
C ASN A 228 -12.09 35.18 15.33
N ASP A 229 -11.04 35.35 14.51
CA ASP A 229 -10.28 36.59 14.52
C ASP A 229 -11.13 37.76 14.04
N ASN A 230 -11.79 37.61 12.89
CA ASN A 230 -12.61 38.68 12.35
C ASN A 230 -13.83 38.98 13.22
N LEU A 231 -14.29 38.02 14.02
CA LEU A 231 -15.33 38.31 15.00
C LEU A 231 -14.84 39.30 16.05
N LYS A 232 -13.58 39.14 16.51
CA LYS A 232 -13.01 40.09 17.44
C LYS A 232 -12.79 41.45 16.79
N VAL A 233 -12.49 41.47 15.49
CA VAL A 233 -12.30 42.73 14.78
C VAL A 233 -13.59 43.53 14.75
N ILE A 234 -14.72 42.85 14.54
CA ILE A 234 -16.01 43.53 14.49
C ILE A 234 -16.35 44.10 15.87
N GLU A 235 -16.08 43.35 16.93
CA GLU A 235 -16.42 43.80 18.28
C GLU A 235 -15.59 45.03 18.68
N LYS A 236 -14.31 45.04 18.30
CA LYS A 236 -13.42 46.15 18.63
C LYS A 236 -13.35 47.20 17.53
N ALA A 237 -14.29 47.17 16.58
CA ALA A 237 -14.34 48.18 15.53
C ALA A 237 -15.03 49.45 16.04
N ASP A 238 -14.77 50.55 15.34
CA ASP A 238 -15.38 51.84 15.67
C ASP A 238 -16.26 52.41 14.58
N ASN A 239 -15.98 52.10 13.31
CA ASN A 239 -16.78 52.58 12.20
C ASN A 239 -17.36 51.41 11.42
N ALA A 240 -18.28 51.73 10.51
CA ALA A 240 -18.95 50.70 9.73
C ALA A 240 -18.05 50.11 8.64
N ALA A 241 -17.04 50.84 8.20
CA ALA A 241 -16.15 50.32 7.17
C ALA A 241 -15.29 49.17 7.70
N GLN A 242 -14.79 49.30 8.93
CA GLN A 242 -13.98 48.23 9.52
C GLN A 242 -14.82 46.97 9.72
N VAL A 243 -16.09 47.14 10.08
CA VAL A 243 -16.99 45.99 10.19
C VAL A 243 -17.21 45.36 8.82
N LYS A 244 -17.28 46.18 7.77
CA LYS A 244 -17.49 45.66 6.43
C LYS A 244 -16.31 44.85 5.95
N ASP A 245 -15.09 45.34 6.16
CA ASP A 245 -13.90 44.63 5.73
C ASP A 245 -13.79 43.26 6.43
N ALA A 246 -14.12 43.21 7.72
CA ALA A 246 -14.05 41.94 8.44
C ALA A 246 -15.14 40.98 7.99
N LEU A 247 -16.34 41.51 7.73
CA LEU A 247 -17.44 40.65 7.29
C LEU A 247 -17.21 40.10 5.89
N THR A 248 -16.58 40.89 5.01
N THR A 248 -16.59 40.90 5.01
CA THR A 248 -16.31 40.41 3.66
CA THR A 248 -16.30 40.42 3.66
C THR A 248 -15.31 39.25 3.68
C THR A 248 -15.32 39.25 3.69
N LYS A 249 -14.34 39.29 4.59
CA LYS A 249 -13.39 38.18 4.70
C LYS A 249 -14.05 36.97 5.35
N MET A 250 -15.02 37.18 6.23
CA MET A 250 -15.73 36.05 6.83
C MET A 250 -16.60 35.35 5.79
N ARG A 251 -17.26 36.12 4.92
CA ARG A 251 -18.15 35.52 3.93
C ARG A 251 -17.37 34.70 2.91
N ALA A 252 -16.23 35.21 2.45
CA ALA A 252 -15.40 34.45 1.52
C ALA A 252 -14.86 33.18 2.18
N ALA A 253 -14.49 33.27 3.46
CA ALA A 253 -14.01 32.09 4.17
C ALA A 253 -15.14 31.13 4.50
N ALA A 254 -16.35 31.64 4.71
CA ALA A 254 -17.49 30.76 4.98
C ALA A 254 -17.83 29.93 3.74
N LEU A 255 -17.83 30.54 2.57
CA LEU A 255 -18.06 29.80 1.34
C LEU A 255 -16.88 28.90 1.00
N ASP A 256 -15.68 29.28 1.42
CA ASP A 256 -14.51 28.43 1.19
C ASP A 256 -14.53 27.19 2.08
N ALA A 257 -14.96 27.36 3.34
CA ALA A 257 -15.11 26.21 4.22
C ALA A 257 -16.32 25.37 3.87
N GLN A 258 -17.30 25.93 3.17
CA GLN A 258 -18.47 25.17 2.75
C GLN A 258 -18.10 24.14 1.67
N LYS A 259 -17.08 24.42 0.88
CA LYS A 259 -16.63 23.50 -0.16
C LYS A 259 -15.95 22.28 0.46
N LYS A 276 -27.28 17.92 5.01
CA LYS A 276 -28.51 18.63 5.34
C LYS A 276 -28.29 19.53 6.55
N ASP A 277 -27.90 18.93 7.68
CA ASP A 277 -27.53 19.72 8.84
C ASP A 277 -26.25 20.51 8.60
N PHE A 278 -25.38 20.01 7.71
CA PHE A 278 -24.18 20.75 7.35
C PHE A 278 -24.51 21.95 6.48
N ARG A 279 -25.36 21.76 5.48
CA ARG A 279 -25.72 22.85 4.58
C ARG A 279 -26.54 23.92 5.30
N HIS A 280 -27.46 23.50 6.17
CA HIS A 280 -28.28 24.46 6.90
C HIS A 280 -27.42 25.32 7.81
N GLY A 281 -26.38 24.73 8.42
CA GLY A 281 -25.51 25.50 9.28
C GLY A 281 -24.77 26.60 8.54
N PHE A 282 -24.31 26.31 7.33
CA PHE A 282 -23.64 27.33 6.52
C PHE A 282 -24.64 28.28 5.87
N ASP A 283 -25.86 27.83 5.62
CA ASP A 283 -26.90 28.73 5.12
C ASP A 283 -27.20 29.81 6.15
N ILE A 284 -27.24 29.44 7.43
CA ILE A 284 -27.45 30.42 8.49
C ILE A 284 -26.25 31.36 8.57
N LEU A 285 -25.03 30.80 8.53
CA LEU A 285 -23.83 31.60 8.71
C LEU A 285 -23.69 32.66 7.63
N VAL A 286 -23.79 32.26 6.37
CA VAL A 286 -23.66 33.21 5.27
C VAL A 286 -24.81 34.22 5.30
N GLY A 287 -26.02 33.75 5.63
CA GLY A 287 -27.14 34.66 5.73
C GLY A 287 -26.97 35.69 6.83
N GLN A 288 -26.46 35.26 7.99
CA GLN A 288 -26.23 36.19 9.09
C GLN A 288 -25.10 37.16 8.75
N ILE A 289 -24.09 36.71 8.00
CA ILE A 289 -23.05 37.61 7.53
C ILE A 289 -23.63 38.65 6.59
N ASP A 290 -24.53 38.22 5.70
CA ASP A 290 -25.17 39.15 4.77
C ASP A 290 -26.04 40.16 5.53
N ASP A 291 -26.71 39.71 6.59
CA ASP A 291 -27.52 40.62 7.39
C ASP A 291 -26.65 41.71 8.02
N ALA A 292 -25.54 41.31 8.64
CA ALA A 292 -24.65 42.29 9.25
C ALA A 292 -23.96 43.15 8.20
N LEU A 293 -23.69 42.59 7.01
N LEU A 293 -23.67 42.58 7.02
CA LEU A 293 -23.06 43.37 5.95
CA LEU A 293 -23.07 43.36 5.94
C LEU A 293 -23.99 44.46 5.44
C LEU A 293 -23.99 44.48 5.47
N LYS A 294 -25.29 44.17 5.34
CA LYS A 294 -26.23 45.18 4.88
C LYS A 294 -26.35 46.32 5.88
N LEU A 295 -26.34 46.00 7.19
CA LEU A 295 -26.35 47.04 8.20
C LEU A 295 -25.07 47.86 8.17
N ALA A 296 -23.94 47.20 7.89
CA ALA A 296 -22.67 47.92 7.83
C ALA A 296 -22.63 48.87 6.63
N ASN A 297 -23.19 48.46 5.49
CA ASN A 297 -23.23 49.33 4.32
C ASN A 297 -24.14 50.53 4.53
N GLU A 298 -25.05 50.48 5.50
CA GLU A 298 -25.93 51.60 5.82
C GLU A 298 -25.33 52.52 6.88
N GLY A 299 -24.13 52.24 7.36
CA GLY A 299 -23.53 53.03 8.40
C GLY A 299 -24.03 52.75 9.80
N LYS A 300 -24.75 51.64 10.00
CA LYS A 300 -25.29 51.29 11.31
C LYS A 300 -24.29 50.37 11.99
N VAL A 301 -23.31 50.98 12.68
CA VAL A 301 -22.23 50.21 13.27
C VAL A 301 -22.74 49.35 14.42
N LYS A 302 -23.45 49.96 15.38
CA LYS A 302 -23.92 49.23 16.54
C LYS A 302 -24.86 48.10 16.13
N GLU A 303 -25.74 48.35 15.17
CA GLU A 303 -26.68 47.32 14.73
C GLU A 303 -25.98 46.21 13.95
N ALA A 304 -24.91 46.55 13.22
CA ALA A 304 -24.15 45.53 12.51
C ALA A 304 -23.35 44.65 13.47
N GLN A 305 -22.75 45.26 14.50
CA GLN A 305 -21.99 44.49 15.48
C GLN A 305 -22.90 43.55 16.27
N ALA A 306 -24.10 44.01 16.62
CA ALA A 306 -25.04 43.15 17.33
C ALA A 306 -25.49 41.99 16.45
N ALA A 307 -25.66 42.24 15.14
CA ALA A 307 -26.03 41.16 14.23
C ALA A 307 -24.87 40.21 14.02
N ALA A 308 -23.64 40.73 13.98
CA ALA A 308 -22.46 39.87 13.85
C ALA A 308 -22.23 39.04 15.10
N GLU A 309 -22.71 39.50 16.26
CA GLU A 309 -22.58 38.69 17.47
C GLU A 309 -23.46 37.45 17.42
N GLN A 310 -24.53 37.49 16.63
CA GLN A 310 -25.37 36.31 16.45
C GLN A 310 -24.64 35.18 15.74
N LEU A 311 -23.53 35.49 15.07
CA LEU A 311 -22.76 34.44 14.40
C LEU A 311 -22.16 33.46 15.39
N LYS A 312 -21.93 33.88 16.63
CA LYS A 312 -21.37 32.98 17.63
C LYS A 312 -22.30 31.82 17.94
N THR A 313 -23.61 32.05 17.87
CA THR A 313 -24.56 30.96 18.09
C THR A 313 -24.47 29.92 16.97
N THR A 314 -24.37 30.38 15.72
CA THR A 314 -24.21 29.45 14.61
C THR A 314 -22.87 28.74 14.66
N ARG A 315 -21.82 29.42 15.14
CA ARG A 315 -20.50 28.80 15.22
C ARG A 315 -20.49 27.66 16.24
N ASN A 316 -21.05 27.90 17.43
CA ASN A 316 -21.02 26.90 18.49
C ASN A 316 -21.96 25.74 18.22
N ALA A 317 -23.00 25.94 17.42
CA ALA A 317 -24.00 24.90 17.19
C ALA A 317 -23.83 24.17 15.87
N TYR A 318 -23.09 24.74 14.91
CA TYR A 318 -22.95 24.12 13.60
C TYR A 318 -21.50 24.09 13.13
N ILE A 319 -20.87 25.26 13.05
CA ILE A 319 -19.58 25.37 12.39
C ILE A 319 -18.51 24.57 13.12
N GLN A 320 -18.50 24.65 14.46
CA GLN A 320 -17.49 23.93 15.22
C GLN A 320 -17.63 22.42 15.06
N LYS A 321 -18.87 21.94 14.94
CA LYS A 321 -19.10 20.51 14.75
C LYS A 321 -18.58 20.06 13.39
N TYR A 322 -18.72 20.90 12.36
CA TYR A 322 -18.19 20.55 11.05
C TYR A 322 -16.67 20.56 11.05
N LEU A 323 -16.05 21.47 11.80
CA LEU A 323 -14.59 21.50 11.89
C LEU A 323 -14.06 20.22 12.54
N GLU A 324 -14.69 19.77 13.62
CA GLU A 324 -14.22 18.59 14.32
C GLU A 324 -14.44 17.32 13.48
N ARG A 325 -15.57 17.26 12.75
CA ARG A 325 -15.84 16.09 11.93
C ARG A 325 -14.94 16.05 10.70
N ALA A 326 -14.70 17.20 10.08
CA ALA A 326 -13.77 17.24 8.95
C ALA A 326 -12.35 16.91 9.40
N ARG A 327 -11.96 17.37 10.58
CA ARG A 327 -10.67 16.99 11.14
C ARG A 327 -10.63 15.50 11.46
N SER A 328 -11.72 14.97 12.00
CA SER A 328 -11.77 13.54 12.30
C SER A 328 -11.67 12.69 11.04
N THR A 329 -12.27 13.14 9.94
CA THR A 329 -12.19 12.40 8.69
C THR A 329 -10.77 12.39 8.14
N LEU A 330 -10.10 13.54 8.18
CA LEU A 330 -8.73 13.61 7.68
C LEU A 330 -7.78 12.75 8.52
N GLN A 331 -7.95 12.77 9.84
CA GLN A 331 -7.11 11.95 10.70
C GLN A 331 -7.31 10.45 10.43
N LYS A 332 -8.54 10.04 10.10
CA LYS A 332 -8.78 8.65 9.75
C LYS A 332 -8.15 8.30 8.40
N GLU A 333 -8.12 9.26 7.47
CA GLU A 333 -7.44 9.03 6.20
C GLU A 333 -5.93 8.92 6.38
N VAL A 334 -5.37 9.73 7.29
CA VAL A 334 -3.95 9.60 7.61
C VAL A 334 -3.66 8.24 8.20
N HIS A 335 -4.52 7.79 9.14
CA HIS A 335 -4.33 6.49 9.76
C HIS A 335 -4.41 5.36 8.73
N ALA A 336 -5.35 5.46 7.79
CA ALA A 336 -5.48 4.44 6.75
C ALA A 336 -4.30 4.48 5.79
N ALA A 337 -3.83 5.68 5.45
CA ALA A 337 -2.68 5.79 4.57
C ALA A 337 -1.41 5.28 5.24
N LYS A 338 -1.30 5.43 6.56
CA LYS A 338 -0.14 4.88 7.27
C LYS A 338 -0.19 3.35 7.30
N SER A 339 -1.39 2.78 7.44
CA SER A 339 -1.53 1.33 7.39
C SER A 339 -1.10 0.79 6.03
N ALA A 340 -1.47 1.49 4.95
CA ALA A 340 -1.03 1.09 3.62
C ALA A 340 0.48 1.26 3.46
N ALA A 341 1.04 2.33 4.01
CA ALA A 341 2.47 2.56 3.89
C ALA A 341 3.28 1.54 4.68
N ILE A 342 2.75 1.08 5.82
CA ILE A 342 3.45 0.06 6.61
C ILE A 342 3.54 -1.24 5.82
N ILE A 343 2.45 -1.62 5.13
CA ILE A 343 2.45 -2.83 4.32
C ILE A 343 3.51 -2.75 3.23
N ALA A 344 3.61 -1.60 2.57
CA ALA A 344 4.60 -1.43 1.51
C ALA A 344 6.01 -1.42 2.08
N GLY A 345 6.21 -0.79 3.24
CA GLY A 345 7.52 -0.77 3.86
C GLY A 345 7.97 -2.15 4.31
N LEU A 346 7.03 -2.95 4.83
CA LEU A 346 7.37 -4.31 5.25
C LEU A 346 7.70 -5.19 4.06
N PHE A 347 7.04 -4.99 2.92
CA PHE A 347 7.42 -5.70 1.71
C PHE A 347 8.86 -5.38 1.33
N ALA A 348 9.21 -4.09 1.37
CA ALA A 348 10.58 -3.69 1.04
C ALA A 348 11.58 -4.29 2.02
N LEU A 349 11.26 -4.26 3.32
N LEU A 349 11.26 -4.26 3.32
CA LEU A 349 12.18 -4.78 4.34
CA LEU A 349 12.19 -4.78 4.32
C LEU A 349 12.40 -6.28 4.18
C LEU A 349 12.40 -6.28 4.16
N CYS A 350 11.36 -7.02 3.79
CA CYS A 350 11.48 -8.47 3.68
C CYS A 350 12.18 -8.91 2.40
N TRP A 351 12.06 -8.15 1.32
CA TRP A 351 12.63 -8.54 0.03
C TRP A 351 13.97 -7.90 -0.27
N LEU A 352 14.28 -6.74 0.31
CA LEU A 352 15.53 -6.07 -0.01
C LEU A 352 16.78 -6.90 0.29
N PRO A 353 16.89 -7.63 1.41
CA PRO A 353 18.12 -8.40 1.64
C PRO A 353 18.45 -9.37 0.51
N LEU A 354 17.44 -10.10 0.01
CA LEU A 354 17.69 -11.04 -1.09
C LEU A 354 18.14 -10.31 -2.34
N HIS A 355 17.53 -9.16 -2.64
CA HIS A 355 17.94 -8.38 -3.81
C HIS A 355 19.34 -7.81 -3.62
N ILE A 356 19.66 -7.35 -2.41
CA ILE A 356 20.98 -6.79 -2.15
C ILE A 356 22.06 -7.85 -2.30
N ILE A 357 21.79 -9.07 -1.83
CA ILE A 357 22.73 -10.16 -2.01
C ILE A 357 22.98 -10.42 -3.49
N ASN A 358 21.91 -10.40 -4.30
CA ASN A 358 22.08 -10.58 -5.74
C ASN A 358 22.94 -9.47 -6.34
N CYS A 359 22.82 -8.26 -5.81
CA CYS A 359 23.67 -7.16 -6.29
C CYS A 359 25.13 -7.43 -5.96
N PHE A 360 25.42 -7.99 -4.78
CA PHE A 360 26.80 -8.33 -4.43
C PHE A 360 27.33 -9.45 -5.31
N THR A 361 26.53 -10.50 -5.52
CA THR A 361 26.93 -11.58 -6.41
C THR A 361 27.22 -11.05 -7.82
N PHE A 362 26.36 -10.15 -8.31
CA PHE A 362 26.47 -9.65 -9.68
C PHE A 362 27.58 -8.63 -9.83
N PHE A 363 27.57 -7.58 -8.99
CA PHE A 363 28.48 -6.47 -9.17
C PHE A 363 29.88 -6.71 -8.63
N CYS A 364 30.05 -7.66 -7.71
CA CYS A 364 31.36 -7.96 -7.11
C CYS A 364 31.69 -9.43 -7.30
N PRO A 365 32.16 -9.82 -8.48
CA PRO A 365 32.64 -11.21 -8.65
C PRO A 365 33.90 -11.51 -7.87
N ASP A 366 34.64 -10.49 -7.43
CA ASP A 366 35.79 -10.71 -6.56
C ASP A 366 35.40 -10.97 -5.12
N CYS A 367 34.18 -10.59 -4.72
CA CYS A 367 33.68 -10.91 -3.40
C CYS A 367 33.25 -12.37 -3.34
N SER A 368 33.56 -13.03 -2.23
N SER A 368 33.56 -13.03 -2.23
CA SER A 368 33.10 -14.40 -2.03
CA SER A 368 33.10 -14.40 -2.03
C SER A 368 31.57 -14.42 -1.99
C SER A 368 31.58 -14.43 -1.98
N HIS A 369 31.00 -15.48 -2.55
CA HIS A 369 29.54 -15.60 -2.60
C HIS A 369 28.98 -15.65 -1.18
N ALA A 370 27.84 -14.98 -0.99
CA ALA A 370 27.17 -15.03 0.30
C ALA A 370 26.95 -16.48 0.72
N PRO A 371 27.18 -16.82 1.98
CA PRO A 371 27.17 -18.23 2.38
C PRO A 371 25.78 -18.84 2.28
N LEU A 372 25.77 -20.18 2.34
CA LEU A 372 24.52 -20.92 2.14
C LEU A 372 23.47 -20.55 3.18
N TRP A 373 23.88 -20.47 4.45
CA TRP A 373 22.91 -20.17 5.50
C TRP A 373 22.31 -18.78 5.34
N LEU A 374 23.09 -17.82 4.83
CA LEU A 374 22.56 -16.47 4.65
C LEU A 374 21.61 -16.40 3.46
N MET A 375 21.93 -17.11 2.38
CA MET A 375 21.02 -17.18 1.24
C MET A 375 19.64 -17.64 1.68
N TYR A 376 19.58 -18.74 2.44
CA TYR A 376 18.30 -19.30 2.80
C TYR A 376 17.63 -18.50 3.91
N LEU A 377 18.41 -17.77 4.73
CA LEU A 377 17.81 -16.81 5.65
C LEU A 377 17.13 -15.68 4.88
N ALA A 378 17.78 -15.18 3.82
CA ALA A 378 17.15 -14.15 3.00
C ALA A 378 15.93 -14.68 2.27
N ILE A 379 15.96 -15.95 1.86
CA ILE A 379 14.81 -16.53 1.18
C ILE A 379 13.64 -16.69 2.14
N VAL A 380 13.91 -17.22 3.33
N VAL A 380 13.90 -17.19 3.35
CA VAL A 380 12.88 -17.37 4.36
CA VAL A 380 12.79 -17.37 4.28
C VAL A 380 12.30 -16.03 4.74
C VAL A 380 12.27 -16.02 4.76
N LEU A 381 13.15 -15.00 4.87
CA LEU A 381 12.67 -13.67 5.24
C LEU A 381 11.73 -13.11 4.18
N ALA A 382 12.07 -13.28 2.91
CA ALA A 382 11.18 -12.84 1.83
C ALA A 382 9.83 -13.55 1.94
N HIS A 383 9.84 -14.85 2.24
CA HIS A 383 8.60 -15.60 2.34
C HIS A 383 7.79 -15.19 3.56
N THR A 384 8.46 -14.77 4.64
N THR A 384 8.45 -14.75 4.64
CA THR A 384 7.77 -14.32 5.84
CA THR A 384 7.72 -14.34 5.84
C THR A 384 6.85 -13.13 5.58
C THR A 384 6.85 -13.12 5.58
N ASN A 385 7.14 -12.33 4.54
CA ASN A 385 6.29 -11.20 4.22
C ASN A 385 4.86 -11.63 3.89
N SER A 386 4.69 -12.87 3.42
CA SER A 386 3.35 -13.39 3.15
C SER A 386 2.59 -13.73 4.42
N VAL A 387 3.18 -13.53 5.59
CA VAL A 387 2.51 -13.79 6.86
C VAL A 387 2.09 -12.51 7.57
N VAL A 388 2.76 -11.37 7.29
CA VAL A 388 2.66 -10.22 8.18
C VAL A 388 1.40 -9.39 7.92
N ASN A 389 0.92 -9.31 6.68
CA ASN A 389 -0.18 -8.39 6.39
C ASN A 389 -1.45 -8.65 7.19
N PRO A 390 -1.92 -9.89 7.37
CA PRO A 390 -3.11 -10.09 8.22
C PRO A 390 -2.94 -9.53 9.63
N PHE A 391 -1.71 -9.49 10.16
CA PHE A 391 -1.48 -8.93 11.48
C PHE A 391 -1.61 -7.41 11.46
N ILE A 392 -1.12 -6.77 10.40
CA ILE A 392 -1.24 -5.32 10.29
C ILE A 392 -2.70 -4.91 10.21
N TYR A 393 -3.50 -5.65 9.41
CA TYR A 393 -4.92 -5.35 9.32
C TYR A 393 -5.61 -5.54 10.67
N ALA A 394 -5.23 -6.59 11.41
CA ALA A 394 -5.87 -6.86 12.69
C ALA A 394 -5.53 -5.79 13.72
N TYR A 395 -4.28 -5.32 13.72
CA TYR A 395 -3.86 -4.35 14.74
C TYR A 395 -4.28 -2.92 14.40
N ARG A 396 -4.45 -2.60 13.11
CA ARG A 396 -4.67 -1.22 12.71
C ARG A 396 -6.06 -0.93 12.15
N ILE A 397 -6.83 -1.95 11.78
CA ILE A 397 -8.13 -1.76 11.16
C ILE A 397 -9.18 -2.45 12.01
N ARG A 398 -10.01 -1.66 12.69
CA ARG A 398 -11.00 -2.21 13.60
C ARG A 398 -11.99 -3.11 12.87
N GLU A 399 -12.38 -2.74 11.65
CA GLU A 399 -13.37 -3.52 10.91
C GLU A 399 -12.83 -4.90 10.57
N PHE A 400 -11.54 -5.00 10.23
CA PHE A 400 -10.92 -6.30 10.02
C PHE A 400 -10.81 -7.07 11.33
N ARG A 401 -10.35 -6.41 12.38
CA ARG A 401 -10.16 -7.07 13.67
C ARG A 401 -11.47 -7.64 14.20
N GLN A 402 -12.55 -6.86 14.13
CA GLN A 402 -13.84 -7.34 14.61
C GLN A 402 -14.36 -8.49 13.76
N THR A 403 -14.18 -8.40 12.43
CA THR A 403 -14.61 -9.48 11.56
C THR A 403 -13.76 -10.73 11.77
N PHE A 404 -12.47 -10.55 12.03
CA PHE A 404 -11.61 -11.68 12.36
C PHE A 404 -12.13 -12.44 13.57
N ARG A 405 -12.50 -11.69 14.63
N ARG A 405 -12.50 -11.69 14.62
CA ARG A 405 -12.99 -12.33 15.85
CA ARG A 405 -12.99 -12.34 15.85
C ARG A 405 -14.29 -13.09 15.59
C ARG A 405 -14.29 -13.09 15.59
N LYS A 406 -15.18 -12.53 14.77
CA LYS A 406 -16.43 -13.21 14.48
C LYS A 406 -16.21 -14.51 13.72
N ILE A 407 -15.27 -14.50 12.77
CA ILE A 407 -14.97 -15.72 12.02
C ILE A 407 -14.38 -16.79 12.94
N ILE A 408 -13.49 -16.38 13.86
CA ILE A 408 -12.83 -17.33 14.73
C ILE A 408 -13.82 -17.89 15.77
N ARG A 409 -14.62 -17.01 16.38
CA ARG A 409 -15.56 -17.46 17.39
C ARG A 409 -16.63 -18.37 16.79
N SER A 410 -17.07 -18.09 15.58
CA SER A 410 -18.07 -18.91 14.92
C SER A 410 -17.44 -20.18 14.36
#